data_6CGE
#
_entry.id   6CGE
#
_cell.length_a   42.820
_cell.length_b   108.940
_cell.length_c   116.360
_cell.angle_alpha   90.000
_cell.angle_beta   90.000
_cell.angle_gamma   90.000
#
_symmetry.space_group_name_H-M   'P 21 21 21'
#
loop_
_entity.id
_entity.type
_entity.pdbx_description
1 polymer 'Estradiol 17-beta-dehydrogenase 1'
2 non-polymer 'NADP NICOTINAMIDE-ADENINE-DINUCLEOTIDE PHOSPHATE'
3 non-polymer 3-{[(14beta,16alpha,17alpha)-3-(2-bromoethyl)-17-hydroxyestra-1,3,5(10)-trien-16-yl]methyl}benzamide
4 water water
#
_entity_poly.entity_id   1
_entity_poly.type   'polypeptide(L)'
_entity_poly.pdbx_seq_one_letter_code
;MARTVVLITGCSSGIGLHLAVRLASDPSQSFKVYATLRDLKTQGRLWEAARALACPPGSLETLQLDVRDSKSVAAARERV
TEGRVDVLVCNAGLGLLGPLEALGEDAVASVLDVNVVGTVRMLQAFLPDMKRRGSGRVLVTGSVGGLMGLPFNDVYCASK
FALEGLCESLAVLLLPFGVHLSLIECGPVHTAFMEKVLGSPEEVLDRTDIHTFHRFYQYLAHSKQVFREAAQNPEEVAEV
FLTALRAPKPTLRYFTTERFLPLLRMRLDDPSGSNYVTAMHREVFGDVPAKAEAGAEAGGGAGPGAEDEAGRGAVGDPEL
GDPPAAPQ
;
_entity_poly.pdbx_strand_id   A,B
#
# COMPACT_ATOMS: atom_id res chain seq x y z
N ALA A 2 34.22 -15.84 -9.63
CA ALA A 2 33.01 -15.96 -10.48
C ALA A 2 32.07 -14.75 -10.27
N ARG A 3 31.00 -14.73 -11.06
CA ARG A 3 30.21 -13.53 -11.24
C ARG A 3 29.08 -13.36 -10.24
N THR A 4 28.68 -12.10 -10.08
CA THR A 4 27.51 -11.70 -9.32
C THR A 4 26.26 -12.10 -10.11
N VAL A 5 25.49 -13.03 -9.57
CA VAL A 5 24.23 -13.49 -10.20
C VAL A 5 23.07 -12.50 -9.93
N VAL A 6 22.52 -11.92 -11.02
CA VAL A 6 21.39 -11.02 -10.96
C VAL A 6 20.15 -11.69 -11.56
N LEU A 7 19.01 -11.59 -10.87
CA LEU A 7 17.68 -11.90 -11.48
C LEU A 7 16.76 -10.67 -11.44
N ILE A 8 16.13 -10.34 -12.56
CA ILE A 8 15.33 -9.15 -12.74
C ILE A 8 13.96 -9.50 -13.31
N THR A 9 12.88 -8.99 -12.73
CA THR A 9 11.55 -9.19 -13.26
C THR A 9 11.17 -7.98 -14.12
N GLY A 10 10.29 -8.18 -15.10
CA GLY A 10 9.81 -7.08 -15.98
C GLY A 10 10.85 -6.55 -16.98
N CYS A 11 11.44 -7.43 -17.78
CA CYS A 11 12.55 -7.05 -18.68
C CYS A 11 12.24 -6.87 -20.16
N SER A 12 10.97 -6.98 -20.53
CA SER A 12 10.56 -6.82 -21.92
C SER A 12 10.77 -5.39 -22.43
N SER A 13 10.75 -4.42 -21.50
CA SER A 13 10.90 -3.01 -21.84
C SER A 13 11.35 -2.17 -20.68
N GLY A 14 11.66 -0.91 -20.96
CA GLY A 14 11.88 0.09 -19.94
C GLY A 14 13.04 -0.20 -19.02
N ILE A 15 12.87 0.11 -17.74
CA ILE A 15 13.90 -0.04 -16.73
C ILE A 15 14.47 -1.45 -16.66
N GLY A 16 13.59 -2.45 -16.62
CA GLY A 16 14.05 -3.85 -16.57
C GLY A 16 14.98 -4.22 -17.73
N LEU A 17 14.59 -3.86 -18.95
CA LEU A 17 15.37 -4.13 -20.17
C LEU A 17 16.72 -3.44 -20.15
N HIS A 18 16.70 -2.15 -19.84
CA HIS A 18 17.90 -1.34 -19.85
C HIS A 18 18.85 -1.72 -18.70
N LEU A 19 18.30 -2.14 -17.56
CA LEU A 19 19.17 -2.54 -16.45
C LEU A 19 19.88 -3.85 -16.76
N ALA A 20 19.12 -4.81 -17.28
CA ALA A 20 19.65 -6.15 -17.56
C ALA A 20 20.82 -6.08 -18.53
N VAL A 21 20.66 -5.37 -19.65
CA VAL A 21 21.77 -5.23 -20.62
C VAL A 21 22.93 -4.33 -20.13
N ARG A 22 22.59 -3.29 -19.36
CA ARG A 22 23.63 -2.45 -18.70
C ARG A 22 24.50 -3.33 -17.83
N LEU A 23 23.89 -4.24 -17.10
CA LEU A 23 24.67 -5.12 -16.21
C LEU A 23 25.43 -6.19 -16.97
N ALA A 24 24.73 -6.88 -17.86
CA ALA A 24 25.35 -7.92 -18.66
C ALA A 24 26.46 -7.37 -19.56
N SER A 25 26.33 -6.11 -20.01
CA SER A 25 27.37 -5.50 -20.86
C SER A 25 28.41 -4.72 -20.08
N ASP A 26 28.44 -4.84 -18.75
CA ASP A 26 29.30 -3.98 -17.97
C ASP A 26 30.74 -4.38 -18.33
N PRO A 27 31.59 -3.36 -18.62
CA PRO A 27 32.96 -3.69 -19.07
C PRO A 27 33.73 -4.56 -18.05
N SER A 28 33.39 -4.48 -16.74
CA SER A 28 33.95 -5.39 -15.73
C SER A 28 33.67 -6.87 -15.97
N GLN A 29 32.57 -7.16 -16.67
CA GLN A 29 32.12 -8.52 -16.95
C GLN A 29 31.97 -9.34 -15.67
N SER A 30 31.48 -8.69 -14.63
CA SER A 30 31.27 -9.34 -13.34
C SER A 30 29.82 -9.83 -13.11
N PHE A 31 28.92 -9.65 -14.09
CA PHE A 31 27.49 -9.93 -13.90
C PHE A 31 26.90 -11.03 -14.80
N LYS A 32 26.26 -11.99 -14.16
CA LYS A 32 25.44 -12.97 -14.86
C LYS A 32 24.02 -12.53 -14.63
N VAL A 33 23.28 -12.25 -15.72
CA VAL A 33 21.94 -11.71 -15.61
C VAL A 33 20.89 -12.69 -16.12
N TYR A 34 19.94 -13.04 -15.24
CA TYR A 34 18.70 -13.67 -15.66
C TYR A 34 17.62 -12.59 -15.84
N ALA A 35 17.32 -12.22 -17.09
CA ALA A 35 16.29 -11.24 -17.36
C ALA A 35 15.03 -12.03 -17.49
N THR A 36 14.08 -11.81 -16.60
CA THR A 36 12.82 -12.54 -16.65
C THR A 36 11.66 -11.70 -17.19
N LEU A 37 10.70 -12.42 -17.77
CA LEU A 37 9.64 -11.80 -18.59
C LEU A 37 8.33 -12.55 -18.45
N ARG A 38 7.22 -11.83 -18.42
CA ARG A 38 5.92 -12.45 -18.31
C ARG A 38 5.67 -13.41 -19.46
N ASP A 39 5.97 -12.96 -20.67
CA ASP A 39 5.82 -13.74 -21.89
C ASP A 39 7.11 -13.71 -22.70
N LEU A 40 7.76 -14.86 -22.85
CA LEU A 40 8.98 -14.94 -23.68
C LEU A 40 8.85 -14.40 -25.13
N LYS A 41 7.64 -14.31 -25.66
CA LYS A 41 7.46 -13.74 -26.99
C LYS A 41 7.74 -12.23 -27.13
N THR A 42 7.87 -11.53 -26.00
CA THR A 42 8.22 -10.09 -26.01
C THR A 42 9.71 -9.83 -25.90
N GLN A 43 10.52 -10.87 -26.00
CA GLN A 43 11.97 -10.73 -25.77
C GLN A 43 12.80 -10.06 -26.90
N GLY A 44 12.18 -9.71 -28.03
CA GLY A 44 12.92 -9.14 -29.16
C GLY A 44 13.80 -7.94 -28.83
N ARG A 45 13.18 -6.90 -28.30
CA ARG A 45 13.84 -5.66 -27.96
C ARG A 45 14.98 -5.93 -27.00
N LEU A 46 14.74 -6.84 -26.05
CA LEU A 46 15.78 -7.18 -25.10
C LEU A 46 17.00 -7.69 -25.88
N TRP A 47 16.79 -8.68 -26.75
CA TRP A 47 17.92 -9.36 -27.38
C TRP A 47 18.59 -8.46 -28.40
N GLU A 48 17.79 -7.62 -29.07
CA GLU A 48 18.34 -6.53 -29.88
C GLU A 48 19.30 -5.63 -29.09
N ALA A 49 18.86 -5.13 -27.93
CA ALA A 49 19.71 -4.21 -27.14
C ALA A 49 20.96 -4.92 -26.59
N ALA A 50 20.80 -6.19 -26.23
CA ALA A 50 21.92 -6.98 -25.70
C ALA A 50 23.03 -7.14 -26.73
N ARG A 51 22.60 -7.18 -27.99
CA ARG A 51 23.43 -7.39 -29.15
C ARG A 51 24.07 -6.05 -29.57
N ALA A 52 23.33 -4.96 -29.47
CA ALA A 52 23.87 -3.59 -29.64
C ALA A 52 24.97 -3.23 -28.65
N LEU A 53 24.79 -3.59 -27.39
CA LEU A 53 25.79 -3.31 -26.36
C LEU A 53 26.85 -4.39 -26.24
N ALA A 54 26.73 -5.42 -27.07
CA ALA A 54 27.75 -6.43 -27.24
C ALA A 54 27.96 -7.21 -25.95
N CYS A 55 26.86 -7.67 -25.35
CA CYS A 55 26.92 -8.47 -24.12
C CYS A 55 27.62 -9.81 -24.35
N PRO A 56 28.67 -10.09 -23.56
CA PRO A 56 29.37 -11.35 -23.81
C PRO A 56 28.48 -12.59 -23.66
N PRO A 57 28.72 -13.64 -24.48
CA PRO A 57 28.01 -14.93 -24.39
C PRO A 57 27.85 -15.41 -22.97
N GLY A 58 26.66 -15.84 -22.61
CA GLY A 58 26.39 -16.28 -21.23
C GLY A 58 26.29 -15.23 -20.10
N SER A 59 26.45 -13.94 -20.40
CA SER A 59 26.17 -12.86 -19.43
C SER A 59 24.65 -12.59 -19.25
N LEU A 60 23.84 -13.07 -20.20
CA LEU A 60 22.41 -12.78 -20.27
C LEU A 60 21.61 -14.01 -20.69
N GLU A 61 20.60 -14.35 -19.90
CA GLU A 61 19.66 -15.43 -20.22
C GLU A 61 18.27 -14.95 -19.90
N THR A 62 17.30 -15.44 -20.65
CA THR A 62 15.92 -15.13 -20.40
C THR A 62 15.23 -16.30 -19.75
N LEU A 63 14.31 -15.98 -18.83
CA LEU A 63 13.36 -16.93 -18.24
C LEU A 63 11.96 -16.35 -18.38
N GLN A 64 10.97 -17.21 -18.52
CA GLN A 64 9.60 -16.81 -18.36
C GLN A 64 9.33 -16.76 -16.87
N LEU A 65 8.72 -15.67 -16.40
CA LEU A 65 8.36 -15.55 -14.98
C LEU A 65 7.17 -14.65 -14.86
N ASP A 66 6.06 -15.23 -14.46
CA ASP A 66 4.84 -14.48 -14.20
C ASP A 66 4.62 -14.34 -12.70
N VAL A 67 4.77 -13.12 -12.20
CA VAL A 67 4.73 -12.87 -10.75
C VAL A 67 3.35 -13.09 -10.11
N ARG A 68 2.28 -13.29 -10.88
CA ARG A 68 0.98 -13.73 -10.32
C ARG A 68 0.94 -15.22 -10.00
N ASP A 69 2.00 -15.97 -10.28
CA ASP A 69 1.93 -17.44 -10.32
C ASP A 69 3.13 -17.96 -9.55
N SER A 70 2.94 -18.39 -8.31
CA SER A 70 4.11 -18.79 -7.50
C SER A 70 4.89 -19.97 -8.10
N LYS A 71 4.21 -20.83 -8.86
CA LYS A 71 4.90 -21.94 -9.54
C LYS A 71 5.77 -21.50 -10.71
N SER A 72 5.32 -20.49 -11.44
CA SER A 72 6.18 -19.80 -12.40
C SER A 72 7.36 -19.19 -11.63
N VAL A 73 7.09 -18.53 -10.51
CA VAL A 73 8.20 -18.00 -9.69
C VAL A 73 9.20 -19.11 -9.32
N ALA A 74 8.69 -20.20 -8.76
CA ALA A 74 9.51 -21.36 -8.37
C ALA A 74 10.33 -21.94 -9.53
N ALA A 75 9.70 -22.10 -10.69
CA ALA A 75 10.37 -22.72 -11.84
C ALA A 75 11.53 -21.87 -12.34
N ALA A 76 11.37 -20.55 -12.30
CA ALA A 76 12.47 -19.62 -12.62
C ALA A 76 13.62 -19.75 -11.61
N ARG A 77 13.33 -19.77 -10.32
CA ARG A 77 14.38 -19.99 -9.30
C ARG A 77 15.17 -21.28 -9.58
N GLU A 78 14.47 -22.36 -9.91
CA GLU A 78 15.13 -23.66 -10.15
C GLU A 78 16.07 -23.57 -11.35
N ARG A 79 15.74 -22.70 -12.31
CA ARG A 79 16.55 -22.45 -13.50
C ARG A 79 17.82 -21.63 -13.29
N VAL A 80 18.11 -21.22 -12.06
CA VAL A 80 19.34 -20.50 -11.73
C VAL A 80 20.45 -21.50 -11.44
N THR A 81 21.04 -22.00 -12.52
CA THR A 81 22.10 -23.03 -12.47
C THR A 81 23.17 -22.82 -11.36
N GLU A 82 23.62 -21.58 -11.18
CA GLU A 82 24.57 -21.21 -10.13
C GLU A 82 24.05 -21.48 -8.70
N GLY A 83 22.73 -21.61 -8.58
CA GLY A 83 22.12 -22.14 -7.37
C GLY A 83 21.99 -21.09 -6.29
N ARG A 84 22.13 -19.82 -6.67
CA ARG A 84 21.99 -18.70 -5.77
C ARG A 84 21.76 -17.41 -6.56
N VAL A 85 21.21 -16.44 -5.84
CA VAL A 85 20.98 -15.13 -6.37
C VAL A 85 21.71 -14.16 -5.44
N ASP A 86 22.57 -13.33 -6.04
CA ASP A 86 23.25 -12.27 -5.29
C ASP A 86 22.47 -10.97 -5.36
N VAL A 87 21.83 -10.71 -6.48
CA VAL A 87 21.04 -9.52 -6.62
C VAL A 87 19.67 -9.83 -7.20
N LEU A 88 18.62 -9.63 -6.40
CA LEU A 88 17.22 -9.73 -6.87
C LEU A 88 16.66 -8.33 -7.12
N VAL A 89 16.20 -8.10 -8.34
CA VAL A 89 15.54 -6.84 -8.72
C VAL A 89 14.06 -7.09 -9.01
N CYS A 90 13.20 -6.60 -8.11
CA CYS A 90 11.76 -6.69 -8.22
C CYS A 90 11.27 -5.40 -8.89
N ASN A 91 11.03 -5.53 -10.18
CA ASN A 91 10.76 -4.41 -11.07
C ASN A 91 9.47 -4.55 -11.81
N ALA A 92 8.92 -5.76 -11.97
CA ALA A 92 7.64 -5.93 -12.66
C ALA A 92 6.55 -5.07 -12.01
N GLY A 93 5.70 -4.44 -12.83
CA GLY A 93 4.63 -3.62 -12.30
C GLY A 93 3.64 -3.16 -13.33
N LEU A 94 2.36 -3.12 -12.97
CA LEU A 94 1.31 -2.57 -13.84
C LEU A 94 0.98 -1.13 -13.46
N GLY A 95 0.55 -0.37 -14.46
CA GLY A 95 0.00 0.95 -14.24
C GLY A 95 -1.50 0.89 -14.16
N LEU A 96 -2.09 1.96 -13.64
CA LEU A 96 -3.54 2.15 -13.67
C LEU A 96 -3.85 3.60 -13.39
N LEU A 97 -4.74 4.14 -14.19
CA LEU A 97 -4.90 5.58 -14.28
C LEU A 97 -6.35 5.87 -14.61
N GLY A 98 -7.00 6.67 -13.76
CA GLY A 98 -8.40 6.94 -13.90
C GLY A 98 -9.08 7.40 -12.61
N PRO A 99 -10.32 7.87 -12.73
CA PRO A 99 -11.12 8.18 -11.56
C PRO A 99 -11.55 6.88 -10.94
N LEU A 100 -11.42 6.80 -9.61
CA LEU A 100 -11.62 5.52 -8.90
C LEU A 100 -12.84 4.74 -9.35
N GLU A 101 -13.96 5.42 -9.49
CA GLU A 101 -15.23 4.77 -9.86
C GLU A 101 -15.35 4.24 -11.29
N ALA A 102 -14.48 4.65 -12.20
CA ALA A 102 -14.46 4.05 -13.56
C ALA A 102 -13.61 2.77 -13.73
N LEU A 103 -12.60 2.59 -12.88
CA LEU A 103 -11.69 1.47 -12.97
C LEU A 103 -12.47 0.18 -12.72
N GLY A 104 -12.20 -0.82 -13.54
CA GLY A 104 -12.83 -2.10 -13.38
C GLY A 104 -12.25 -2.77 -12.14
N GLU A 105 -13.11 -3.52 -11.47
CA GLU A 105 -12.76 -4.21 -10.24
C GLU A 105 -11.61 -5.20 -10.42
N ASP A 106 -11.64 -5.94 -11.53
CA ASP A 106 -10.58 -6.88 -11.87
C ASP A 106 -9.25 -6.21 -12.11
N ALA A 107 -9.31 -5.02 -12.70
CA ALA A 107 -8.10 -4.26 -12.93
C ALA A 107 -7.49 -3.75 -11.63
N VAL A 108 -8.33 -3.41 -10.65
CA VAL A 108 -7.84 -2.97 -9.35
C VAL A 108 -7.12 -4.14 -8.69
N ALA A 109 -7.79 -5.29 -8.68
CA ALA A 109 -7.24 -6.55 -8.13
C ALA A 109 -5.89 -6.91 -8.74
N SER A 110 -5.84 -6.86 -10.07
CA SER A 110 -4.63 -7.19 -10.81
C SER A 110 -3.43 -6.32 -10.49
N VAL A 111 -3.68 -5.01 -10.34
CA VAL A 111 -2.58 -4.08 -9.99
C VAL A 111 -1.98 -4.44 -8.63
N LEU A 112 -2.83 -4.77 -7.67
CA LEU A 112 -2.38 -5.19 -6.34
C LEU A 112 -1.67 -6.54 -6.43
N ASP A 113 -2.31 -7.49 -7.11
CA ASP A 113 -1.75 -8.81 -7.25
C ASP A 113 -0.39 -8.79 -7.91
N VAL A 114 -0.20 -8.01 -8.98
CA VAL A 114 1.11 -7.92 -9.62
C VAL A 114 2.11 -7.11 -8.80
N ASN A 115 1.76 -5.88 -8.45
CA ASN A 115 2.72 -4.97 -7.79
C ASN A 115 3.10 -5.33 -6.37
N VAL A 116 2.12 -5.81 -5.61
CA VAL A 116 2.34 -6.06 -4.19
C VAL A 116 2.44 -7.57 -4.00
N VAL A 117 1.38 -8.30 -4.29
CA VAL A 117 1.41 -9.76 -3.97
C VAL A 117 2.57 -10.47 -4.73
N GLY A 118 2.72 -10.16 -6.01
CA GLY A 118 3.85 -10.60 -6.81
C GLY A 118 5.22 -10.29 -6.27
N THR A 119 5.39 -9.11 -5.66
CA THR A 119 6.67 -8.75 -5.07
C THR A 119 6.85 -9.57 -3.80
N VAL A 120 5.77 -9.77 -3.05
CA VAL A 120 5.81 -10.69 -1.91
C VAL A 120 6.21 -12.11 -2.34
N ARG A 121 5.62 -12.64 -3.40
CA ARG A 121 5.97 -13.98 -3.89
C ARG A 121 7.45 -14.09 -4.27
N MET A 122 7.96 -13.08 -4.96
CA MET A 122 9.36 -13.04 -5.29
C MET A 122 10.22 -13.11 -4.03
N LEU A 123 9.88 -12.33 -3.01
CA LEU A 123 10.66 -12.27 -1.80
C LEU A 123 10.53 -13.57 -1.04
N GLN A 124 9.33 -14.13 -0.99
CA GLN A 124 9.12 -15.44 -0.37
C GLN A 124 9.97 -16.54 -1.04
N ALA A 125 10.08 -16.51 -2.37
CA ALA A 125 10.81 -17.55 -3.09
C ALA A 125 12.32 -17.44 -2.92
N PHE A 126 12.86 -16.22 -2.95
CA PHE A 126 14.29 -15.98 -2.99
C PHE A 126 14.93 -15.51 -1.69
N LEU A 127 14.18 -14.94 -0.75
CA LEU A 127 14.81 -14.44 0.51
C LEU A 127 15.45 -15.51 1.38
N PRO A 128 14.76 -16.66 1.59
CA PRO A 128 15.36 -17.68 2.46
C PRO A 128 16.82 -17.96 2.13
N ASP A 129 17.15 -18.19 0.85
CA ASP A 129 18.50 -18.54 0.49
C ASP A 129 19.46 -17.42 0.89
N MET A 130 19.06 -16.18 0.64
CA MET A 130 19.88 -15.01 1.02
C MET A 130 20.10 -14.85 2.53
N LYS A 131 19.07 -15.18 3.31
CA LYS A 131 19.14 -15.16 4.79
C LYS A 131 20.10 -16.21 5.34
N ARG A 132 19.84 -17.46 4.97
CA ARG A 132 20.65 -18.64 5.29
C ARG A 132 22.12 -18.41 4.94
N ARG A 133 22.36 -17.66 3.87
CA ARG A 133 23.67 -17.39 3.34
C ARG A 133 24.41 -16.25 4.03
N GLY A 134 23.69 -15.33 4.65
CA GLY A 134 24.31 -14.11 5.15
C GLY A 134 24.65 -13.05 4.09
N SER A 135 24.17 -13.19 2.85
CA SER A 135 24.28 -12.11 1.85
C SER A 135 23.22 -12.07 0.74
N GLY A 136 23.08 -10.89 0.17
CA GLY A 136 22.19 -10.65 -0.96
C GLY A 136 21.76 -9.20 -1.00
N ARG A 137 21.66 -8.64 -2.21
CA ARG A 137 21.04 -7.35 -2.41
C ARG A 137 19.65 -7.57 -3.03
N VAL A 138 18.63 -6.97 -2.42
CA VAL A 138 17.31 -6.89 -3.03
C VAL A 138 17.04 -5.44 -3.39
N LEU A 139 16.68 -5.20 -4.64
CA LEU A 139 16.29 -3.87 -5.12
C LEU A 139 14.87 -3.94 -5.64
N VAL A 140 14.06 -2.97 -5.24
CA VAL A 140 12.67 -2.93 -5.64
C VAL A 140 12.44 -1.62 -6.40
N THR A 141 11.86 -1.70 -7.60
CA THR A 141 11.52 -0.50 -8.34
C THR A 141 10.36 0.23 -7.65
N GLY A 142 10.73 1.20 -6.82
CA GLY A 142 9.78 2.04 -6.07
C GLY A 142 9.33 3.20 -6.91
N SER A 143 8.60 4.11 -6.29
CA SER A 143 8.06 5.27 -6.99
C SER A 143 7.81 6.46 -6.08
N VAL A 144 7.75 7.61 -6.72
CA VAL A 144 7.43 8.87 -6.05
C VAL A 144 5.95 8.82 -5.64
N GLY A 145 5.13 8.23 -6.52
CA GLY A 145 3.77 7.87 -6.19
C GLY A 145 3.56 6.87 -5.05
N GLY A 146 4.65 6.40 -4.42
CA GLY A 146 4.58 5.62 -3.17
C GLY A 146 4.94 6.40 -1.92
N LEU A 147 5.40 7.63 -2.13
CA LEU A 147 5.73 8.59 -1.08
C LEU A 147 4.70 9.70 -0.92
N MET A 148 3.98 10.00 -2.00
CA MET A 148 2.99 11.05 -2.04
C MET A 148 1.86 10.59 -2.92
N GLY A 149 0.63 10.98 -2.60
CA GLY A 149 -0.53 10.55 -3.38
C GLY A 149 -0.84 11.55 -4.45
N LEU A 150 -1.46 11.12 -5.54
CA LEU A 150 -1.80 12.01 -6.66
C LEU A 150 -3.13 11.61 -7.25
N PRO A 151 -3.96 12.62 -7.59
CA PRO A 151 -5.29 12.27 -8.01
C PRO A 151 -5.24 11.44 -9.25
N PHE A 152 -6.27 10.62 -9.43
CA PHE A 152 -6.39 9.73 -10.55
C PHE A 152 -5.34 8.60 -10.60
N ASN A 153 -4.36 8.64 -9.71
CA ASN A 153 -3.43 7.50 -9.49
C ASN A 153 -3.78 6.81 -8.20
N ASP A 154 -5.06 6.69 -7.85
CA ASP A 154 -5.48 6.19 -6.51
C ASP A 154 -4.96 4.78 -6.24
N VAL A 155 -5.20 3.87 -7.19
CA VAL A 155 -4.83 2.46 -7.03
C VAL A 155 -3.36 2.18 -7.35
N TYR A 156 -2.81 2.83 -8.37
CA TYR A 156 -1.37 2.81 -8.58
C TYR A 156 -0.61 3.30 -7.35
N CYS A 157 -1.03 4.43 -6.80
CA CYS A 157 -0.40 4.97 -5.58
C CYS A 157 -0.50 4.04 -4.38
N ALA A 158 -1.68 3.47 -4.19
CA ALA A 158 -1.95 2.41 -3.20
C ALA A 158 -0.91 1.31 -3.23
N SER A 159 -0.63 0.81 -4.44
CA SER A 159 0.27 -0.31 -4.63
C SER A 159 1.72 0.08 -4.35
N LYS A 160 2.12 1.30 -4.73
CA LYS A 160 3.50 1.78 -4.48
C LYS A 160 3.76 2.21 -3.04
N PHE A 161 2.74 2.78 -2.39
CA PHE A 161 2.77 2.93 -0.92
C PHE A 161 2.90 1.55 -0.27
N ALA A 162 2.09 0.58 -0.71
CA ALA A 162 2.22 -0.83 -0.23
C ALA A 162 3.66 -1.37 -0.27
N LEU A 163 4.42 -1.05 -1.32
CA LEU A 163 5.84 -1.43 -1.38
C LEU A 163 6.68 -0.79 -0.31
N GLU A 164 6.41 0.51 -0.05
CA GLU A 164 7.08 1.23 1.04
C GLU A 164 6.91 0.46 2.35
N GLY A 165 5.67 0.18 2.69
CA GLY A 165 5.34 -0.56 3.91
C GLY A 165 5.96 -1.93 3.91
N LEU A 166 5.86 -2.64 2.76
CA LEU A 166 6.41 -3.99 2.68
C LEU A 166 7.91 -3.98 2.94
N CYS A 167 8.61 -3.11 2.24
CA CYS A 167 10.06 -3.07 2.26
C CYS A 167 10.64 -2.51 3.55
N GLU A 168 10.05 -1.44 4.05
CA GLU A 168 10.49 -0.84 5.31
C GLU A 168 10.40 -1.82 6.47
N SER A 169 9.32 -2.58 6.54
CA SER A 169 9.18 -3.62 7.55
C SER A 169 10.24 -4.72 7.46
N LEU A 170 10.45 -5.27 6.28
CA LEU A 170 11.47 -6.32 6.10
C LEU A 170 12.87 -5.80 6.40
N ALA A 171 13.19 -4.61 5.87
CA ALA A 171 14.49 -3.98 6.08
C ALA A 171 14.89 -3.85 7.55
N VAL A 172 13.91 -3.65 8.43
CA VAL A 172 14.13 -3.68 9.89
C VAL A 172 14.48 -5.08 10.38
N LEU A 173 13.88 -6.11 9.79
CA LEU A 173 14.27 -7.47 10.13
C LEU A 173 15.67 -7.83 9.60
N LEU A 174 16.03 -7.36 8.41
CA LEU A 174 17.19 -7.91 7.68
C LEU A 174 18.59 -7.32 8.08
N LEU A 175 18.63 -6.43 9.08
CA LEU A 175 19.90 -5.80 9.47
C LEU A 175 21.01 -6.79 9.89
N PRO A 176 20.80 -7.60 10.95
CA PRO A 176 21.83 -8.57 11.38
C PRO A 176 21.96 -9.83 10.49
N PHE A 177 21.43 -9.77 9.26
CA PHE A 177 21.49 -10.84 8.27
C PHE A 177 22.54 -10.60 7.20
N GLY A 178 22.87 -9.34 6.92
CA GLY A 178 23.76 -8.99 5.80
C GLY A 178 23.08 -8.91 4.43
N VAL A 179 21.74 -8.97 4.41
CA VAL A 179 20.92 -8.78 3.20
C VAL A 179 20.39 -7.33 3.16
N HIS A 180 20.70 -6.58 2.10
CA HIS A 180 20.36 -5.15 2.00
C HIS A 180 19.27 -4.80 0.98
N LEU A 181 18.05 -4.60 1.51
CA LEU A 181 16.88 -4.28 0.72
C LEU A 181 16.84 -2.79 0.50
N SER A 182 16.80 -2.36 -0.76
CA SER A 182 16.65 -0.95 -1.06
C SER A 182 15.50 -0.77 -2.05
N LEU A 183 14.93 0.44 -2.04
CA LEU A 183 13.90 0.90 -2.98
C LEU A 183 14.54 1.94 -3.87
N ILE A 184 14.25 1.90 -5.15
CA ILE A 184 14.80 2.86 -6.07
C ILE A 184 13.63 3.74 -6.47
N GLU A 185 13.53 4.90 -5.82
CA GLU A 185 12.37 5.76 -5.95
C GLU A 185 12.50 6.49 -7.24
N CYS A 186 11.67 6.11 -8.21
CA CYS A 186 11.66 6.70 -9.55
C CYS A 186 10.61 7.77 -9.63
N GLY A 187 10.91 8.85 -10.37
CA GLY A 187 9.90 9.80 -10.81
C GLY A 187 9.42 9.37 -12.16
N PRO A 188 8.92 10.31 -12.99
CA PRO A 188 8.52 9.90 -14.36
C PRO A 188 9.71 9.40 -15.19
N VAL A 189 9.39 8.64 -16.25
CA VAL A 189 10.35 7.87 -17.04
C VAL A 189 9.92 7.82 -18.51
N HIS A 190 10.89 7.92 -19.43
CA HIS A 190 10.64 7.81 -20.88
C HIS A 190 10.37 6.36 -21.35
N THR A 191 9.12 5.91 -21.20
CA THR A 191 8.57 4.73 -21.90
C THR A 191 7.11 5.02 -22.27
N LEU A 198 -3.50 4.29 -20.87
CA LEU A 198 -4.23 3.63 -19.79
C LEU A 198 -5.69 4.09 -19.64
N GLY A 199 -6.00 5.33 -20.08
CA GLY A 199 -7.36 5.88 -20.02
C GLY A 199 -8.30 5.40 -21.12
N SER A 200 -9.51 5.98 -21.16
CA SER A 200 -10.58 5.62 -22.11
C SER A 200 -11.56 6.82 -22.29
N PRO A 201 -12.66 6.66 -23.08
CA PRO A 201 -13.63 7.74 -23.19
C PRO A 201 -15.04 7.39 -22.70
N GLU A 202 -15.84 6.67 -23.49
CA GLU A 202 -17.24 6.41 -23.15
C GLU A 202 -17.36 5.39 -22.02
N GLU A 203 -16.35 4.51 -21.91
CA GLU A 203 -16.17 3.69 -20.73
C GLU A 203 -16.11 4.59 -19.49
N VAL A 204 -15.24 5.59 -19.51
CA VAL A 204 -15.05 6.49 -18.36
C VAL A 204 -16.37 7.19 -17.97
N LEU A 205 -16.86 8.04 -18.87
CA LEU A 205 -17.97 8.96 -18.60
C LEU A 205 -19.25 8.26 -18.11
N ASP A 206 -19.58 7.10 -18.68
CA ASP A 206 -20.72 6.29 -18.22
C ASP A 206 -20.63 6.01 -16.71
N ARG A 207 -19.46 5.58 -16.28
CA ARG A 207 -19.23 5.18 -14.90
C ARG A 207 -18.99 6.39 -14.00
N THR A 208 -18.22 7.38 -14.47
CA THR A 208 -17.90 8.56 -13.65
C THR A 208 -18.99 9.63 -13.80
N ASP A 209 -18.71 10.86 -13.37
CA ASP A 209 -19.66 11.97 -13.49
C ASP A 209 -19.11 13.09 -14.35
N ILE A 210 -20.03 13.90 -14.83
CA ILE A 210 -19.74 14.94 -15.80
C ILE A 210 -18.61 15.89 -15.40
N HIS A 211 -18.46 16.21 -14.11
CA HIS A 211 -17.38 17.11 -13.63
C HIS A 211 -16.06 16.40 -13.38
N THR A 212 -16.13 15.13 -12.99
CA THR A 212 -14.91 14.32 -12.80
C THR A 212 -14.24 14.11 -14.15
N PHE A 213 -15.06 13.64 -15.10
CA PHE A 213 -14.72 13.54 -16.53
C PHE A 213 -13.79 14.62 -17.09
N HIS A 214 -14.01 15.86 -16.68
CA HIS A 214 -13.23 17.02 -17.15
C HIS A 214 -12.04 17.32 -16.22
N ARG A 215 -12.21 17.14 -14.91
CA ARG A 215 -11.09 17.23 -13.96
C ARG A 215 -9.96 16.23 -14.28
N PHE A 216 -10.35 15.07 -14.83
CA PHE A 216 -9.40 14.05 -15.30
C PHE A 216 -8.41 14.58 -16.37
N TYR A 217 -8.93 15.12 -17.49
CA TYR A 217 -8.06 15.60 -18.57
C TYR A 217 -7.31 16.90 -18.20
N GLN A 218 -7.83 17.66 -17.24
CA GLN A 218 -7.05 18.73 -16.61
C GLN A 218 -5.87 18.18 -15.79
N TYR A 219 -6.00 16.94 -15.29
CA TYR A 219 -4.86 16.20 -14.76
C TYR A 219 -3.97 15.65 -15.90
N LEU A 220 -4.56 14.99 -16.90
CA LEU A 220 -3.77 14.37 -17.98
C LEU A 220 -2.92 15.39 -18.72
N ALA A 221 -3.60 16.41 -19.27
CA ALA A 221 -2.97 17.48 -20.00
C ALA A 221 -2.02 18.31 -19.13
N HIS A 222 -2.16 18.25 -17.80
CA HIS A 222 -1.13 18.79 -16.87
C HIS A 222 0.05 17.85 -16.70
N SER A 223 -0.21 16.55 -16.73
CA SER A 223 0.82 15.54 -16.44
C SER A 223 1.86 15.51 -17.55
N LYS A 224 1.37 15.47 -18.80
CA LYS A 224 2.19 15.60 -20.01
C LYS A 224 3.14 16.80 -20.01
N GLN A 225 2.87 17.81 -19.18
CA GLN A 225 3.84 18.88 -18.92
C GLN A 225 5.01 18.39 -18.07
N VAL A 226 4.71 17.72 -16.96
CA VAL A 226 5.75 17.22 -16.03
C VAL A 226 6.53 16.03 -16.63
N PHE A 227 5.87 15.26 -17.51
CA PHE A 227 6.53 14.32 -18.44
C PHE A 227 7.71 15.07 -19.09
N ARG A 228 7.38 16.14 -19.82
CA ARG A 228 8.35 16.88 -20.65
C ARG A 228 9.42 17.72 -19.92
N GLU A 229 9.35 17.87 -18.59
CA GLU A 229 10.40 18.60 -17.83
C GLU A 229 11.25 17.72 -16.86
N ALA A 230 10.80 16.48 -16.57
CA ALA A 230 11.58 15.54 -15.71
C ALA A 230 11.43 14.02 -16.01
N ALA A 231 10.83 13.65 -17.16
CA ALA A 231 10.78 12.21 -17.56
C ALA A 231 12.15 11.68 -17.97
N GLN A 232 12.88 11.12 -16.99
CA GLN A 232 14.25 10.64 -17.19
C GLN A 232 14.36 9.52 -18.22
N ASN A 233 15.60 9.31 -18.73
CA ASN A 233 15.97 8.11 -19.47
C ASN A 233 15.96 6.96 -18.49
N PRO A 234 15.58 5.74 -18.95
CA PRO A 234 15.85 4.51 -18.19
C PRO A 234 17.34 4.18 -18.01
N GLU A 235 18.21 4.66 -18.90
CA GLU A 235 19.66 4.55 -18.71
C GLU A 235 20.10 5.28 -17.46
N GLU A 236 19.62 6.51 -17.33
CA GLU A 236 19.83 7.30 -16.11
C GLU A 236 19.35 6.51 -14.93
N VAL A 237 18.14 5.92 -15.03
CA VAL A 237 17.54 5.20 -13.90
C VAL A 237 18.31 3.94 -13.58
N ALA A 238 18.59 3.16 -14.62
CA ALA A 238 19.39 1.94 -14.50
C ALA A 238 20.62 2.21 -13.70
N GLU A 239 21.25 3.33 -14.00
CA GLU A 239 22.53 3.71 -13.42
C GLU A 239 22.41 3.90 -11.91
N VAL A 240 21.25 4.38 -11.46
CA VAL A 240 20.95 4.48 -10.01
C VAL A 240 20.91 3.10 -9.34
N PHE A 241 20.25 2.14 -9.97
CA PHE A 241 20.25 0.71 -9.50
C PHE A 241 21.70 0.21 -9.31
N LEU A 242 22.60 0.56 -10.25
CA LEU A 242 24.05 0.24 -10.14
C LEU A 242 24.77 0.83 -8.91
N THR A 243 24.59 2.14 -8.69
CA THR A 243 25.11 2.79 -7.49
C THR A 243 24.66 2.04 -6.22
N ALA A 244 23.40 1.61 -6.17
CA ALA A 244 22.88 0.83 -5.03
C ALA A 244 23.51 -0.56 -4.87
N LEU A 245 23.83 -1.22 -5.99
CA LEU A 245 24.55 -2.50 -5.94
C LEU A 245 25.96 -2.38 -5.43
N ARG A 246 26.69 -1.40 -5.95
CA ARG A 246 28.06 -1.11 -5.53
C ARG A 246 28.15 -0.36 -4.21
N ALA A 247 27.03 0.08 -3.65
CA ALA A 247 27.04 0.69 -2.31
C ALA A 247 27.48 -0.35 -1.27
N PRO A 248 28.48 0.00 -0.43
CA PRO A 248 28.92 -0.91 0.63
C PRO A 248 27.96 -0.99 1.84
N LYS A 249 27.29 0.11 2.17
CA LYS A 249 26.17 0.10 3.13
C LYS A 249 25.03 0.87 2.47
N PRO A 250 24.23 0.18 1.64
CA PRO A 250 23.20 0.92 0.90
C PRO A 250 22.03 1.30 1.80
N THR A 251 21.46 2.46 1.52
CA THR A 251 20.30 2.93 2.24
C THR A 251 19.01 2.24 1.76
N LEU A 252 17.94 2.41 2.53
CA LEU A 252 16.66 1.83 2.17
C LEU A 252 16.05 2.51 0.96
N ARG A 253 16.26 3.81 0.77
CA ARG A 253 15.80 4.51 -0.43
C ARG A 253 16.93 5.19 -1.17
N TYR A 254 16.77 5.25 -2.50
CA TYR A 254 17.58 6.04 -3.41
C TYR A 254 16.60 6.76 -4.31
N PHE A 255 16.96 7.96 -4.74
CA PHE A 255 16.09 8.79 -5.57
C PHE A 255 16.73 8.96 -6.96
N THR A 256 15.95 8.79 -8.01
CA THR A 256 16.44 8.92 -9.36
C THR A 256 16.56 10.41 -9.78
N THR A 257 15.54 11.21 -9.45
CA THR A 257 15.51 12.65 -9.77
C THR A 257 15.20 13.40 -8.48
N GLU A 258 15.63 14.65 -8.41
CA GLU A 258 15.42 15.51 -7.22
C GLU A 258 14.22 16.41 -7.33
N ARG A 259 13.74 16.60 -8.57
CA ARG A 259 12.63 17.47 -8.92
C ARG A 259 11.35 17.35 -8.06
N PHE A 260 11.28 16.37 -7.16
CA PHE A 260 10.13 16.24 -6.26
C PHE A 260 10.45 16.33 -4.75
N LEU A 261 11.72 16.46 -4.36
CA LEU A 261 12.07 16.68 -2.94
C LEU A 261 11.60 18.03 -2.33
N PRO A 262 11.14 19.00 -3.17
CA PRO A 262 10.38 20.09 -2.55
C PRO A 262 9.12 19.61 -1.82
N LEU A 263 8.23 18.91 -2.54
CA LEU A 263 6.96 18.47 -1.98
C LEU A 263 7.12 17.49 -0.81
N LEU A 264 8.00 16.51 -0.95
CA LEU A 264 8.26 15.57 0.14
C LEU A 264 8.82 16.27 1.39
N ARG A 265 9.38 17.47 1.24
CA ARG A 265 9.63 18.34 2.40
C ARG A 265 8.31 18.87 2.95
N MET A 266 7.52 19.51 2.08
CA MET A 266 6.23 20.14 2.45
C MET A 266 5.20 19.17 3.02
N ARG A 267 5.05 18.02 2.38
CA ARG A 267 4.16 16.94 2.83
C ARG A 267 4.39 16.59 4.29
N LEU A 268 5.65 16.28 4.62
CA LEU A 268 6.02 15.79 5.94
C LEU A 268 6.21 16.90 6.99
N ASP A 269 6.05 18.16 6.60
CA ASP A 269 5.94 19.26 7.58
C ASP A 269 4.62 19.18 8.36
N ASP A 270 3.54 18.84 7.67
CA ASP A 270 2.20 18.75 8.25
C ASP A 270 1.82 17.28 8.53
N PRO A 271 1.85 16.83 9.80
CA PRO A 271 1.47 15.43 10.10
C PRO A 271 -0.06 15.16 9.95
N SER A 272 -0.90 16.17 10.18
CA SER A 272 -2.33 16.11 9.82
C SER A 272 -2.56 16.03 8.30
N GLY A 273 -1.52 16.36 7.53
CA GLY A 273 -1.52 16.09 6.10
C GLY A 273 -2.33 16.98 5.20
N SER A 274 -3.11 17.92 5.73
CA SER A 274 -3.94 18.74 4.84
C SER A 274 -3.21 19.91 4.16
N ASN A 275 -1.96 20.18 4.56
CA ASN A 275 -1.10 21.11 3.78
C ASN A 275 -0.80 20.57 2.38
N TYR A 276 -0.37 19.29 2.32
CA TYR A 276 -0.11 18.61 1.05
C TYR A 276 -1.34 18.56 0.17
N VAL A 277 -2.46 18.16 0.75
CA VAL A 277 -3.71 18.09 -0.01
C VAL A 277 -3.98 19.43 -0.69
N THR A 278 -3.91 20.53 0.07
CA THR A 278 -4.22 21.87 -0.46
C THR A 278 -3.26 22.27 -1.57
N ALA A 279 -1.97 22.13 -1.27
CA ALA A 279 -0.90 22.54 -2.17
C ALA A 279 -0.83 21.75 -3.46
N MET A 280 -0.94 20.43 -3.35
CA MET A 280 -1.00 19.56 -4.54
C MET A 280 -2.30 19.74 -5.34
N HIS A 281 -3.39 20.12 -4.69
CA HIS A 281 -4.59 20.43 -5.46
C HIS A 281 -4.38 21.68 -6.31
N ARG A 282 -3.76 22.71 -5.73
CA ARG A 282 -3.55 23.96 -6.48
C ARG A 282 -2.60 23.72 -7.62
N GLU A 283 -1.47 23.08 -7.30
CA GLU A 283 -0.43 22.72 -8.25
C GLU A 283 -0.86 21.83 -9.45
N VAL A 284 -1.91 21.03 -9.30
CA VAL A 284 -2.40 20.14 -10.39
C VAL A 284 -3.41 20.83 -11.28
N PHE A 285 -4.30 21.61 -10.66
CA PHE A 285 -5.48 22.17 -11.32
C PHE A 285 -5.42 23.70 -11.49
N GLY A 286 -5.47 24.46 -10.40
CA GLY A 286 -5.42 25.92 -10.45
C GLY A 286 -5.92 26.63 -9.21
N ALA B 2 -33.82 16.24 9.04
CA ALA B 2 -32.58 15.70 8.37
C ALA B 2 -31.58 15.18 9.41
N ARG B 3 -31.76 13.90 9.78
CA ARG B 3 -30.74 13.14 10.50
C ARG B 3 -29.52 12.80 9.64
N THR B 4 -28.37 12.69 10.27
CA THR B 4 -27.12 12.36 9.60
C THR B 4 -27.11 10.85 9.40
N VAL B 5 -27.08 10.41 8.13
CA VAL B 5 -27.06 8.98 7.82
C VAL B 5 -25.63 8.45 7.85
N VAL B 6 -25.36 7.44 8.67
CA VAL B 6 -23.99 6.92 8.80
C VAL B 6 -23.98 5.43 8.51
N LEU B 7 -23.04 4.99 7.67
CA LEU B 7 -22.87 3.59 7.37
C LEU B 7 -21.45 3.18 7.69
N ILE B 8 -21.32 2.13 8.50
CA ILE B 8 -20.01 1.70 9.01
C ILE B 8 -19.81 0.25 8.70
N THR B 9 -18.64 -0.11 8.17
CA THR B 9 -18.28 -1.50 7.95
C THR B 9 -17.57 -2.08 9.20
N GLY B 10 -17.64 -3.40 9.35
CA GLY B 10 -16.95 -4.16 10.43
C GLY B 10 -17.46 -3.85 11.83
N CYS B 11 -18.75 -4.07 12.02
CA CYS B 11 -19.46 -3.63 13.23
C CYS B 11 -19.80 -4.77 14.23
N SER B 12 -19.35 -5.99 13.99
CA SER B 12 -19.62 -7.11 14.92
C SER B 12 -18.94 -6.92 16.27
N SER B 13 -17.80 -6.22 16.26
CA SER B 13 -17.01 -5.96 17.46
C SER B 13 -16.14 -4.72 17.35
N GLY B 14 -15.41 -4.42 18.42
CA GLY B 14 -14.36 -3.40 18.44
C GLY B 14 -14.75 -1.98 18.06
N ILE B 15 -13.88 -1.35 17.29
CA ILE B 15 -14.02 0.06 16.92
C ILE B 15 -15.37 0.28 16.29
N GLY B 16 -15.73 -0.57 15.34
CA GLY B 16 -16.94 -0.39 14.55
C GLY B 16 -18.20 -0.49 15.38
N LEU B 17 -18.24 -1.51 16.24
CA LEU B 17 -19.33 -1.65 17.20
C LEU B 17 -19.42 -0.43 18.10
N HIS B 18 -18.29 -0.03 18.66
CA HIS B 18 -18.29 1.05 19.63
C HIS B 18 -18.73 2.38 18.98
N LEU B 19 -18.21 2.70 17.79
CA LEU B 19 -18.69 3.88 17.06
C LEU B 19 -20.17 3.85 16.73
N ALA B 20 -20.66 2.67 16.39
CA ALA B 20 -22.05 2.50 15.97
C ALA B 20 -23.04 2.84 17.07
N VAL B 21 -22.81 2.30 18.26
CA VAL B 21 -23.70 2.54 19.42
C VAL B 21 -23.60 3.98 19.91
N ARG B 22 -22.38 4.50 19.91
CA ARG B 22 -22.13 5.87 20.34
C ARG B 22 -22.93 6.86 19.49
N LEU B 23 -22.91 6.69 18.18
CA LEU B 23 -23.65 7.60 17.31
C LEU B 23 -25.17 7.40 17.47
N ALA B 24 -25.61 6.15 17.50
CA ALA B 24 -27.04 5.84 17.71
C ALA B 24 -27.61 6.31 19.08
N SER B 25 -26.79 6.32 20.13
CA SER B 25 -27.21 6.82 21.46
C SER B 25 -27.13 8.34 21.64
N ASP B 26 -26.44 9.03 20.73
CA ASP B 26 -26.21 10.46 20.85
C ASP B 26 -27.46 11.26 21.27
N PRO B 27 -27.39 12.00 22.41
CA PRO B 27 -28.54 12.70 23.01
C PRO B 27 -29.44 13.46 22.04
N SER B 28 -28.82 14.07 21.03
CA SER B 28 -29.55 14.79 19.96
C SER B 28 -30.40 13.91 19.04
N GLN B 29 -30.11 12.61 18.99
CA GLN B 29 -30.64 11.73 17.94
C GLN B 29 -30.42 12.35 16.55
N SER B 30 -29.24 12.95 16.39
CA SER B 30 -28.84 13.57 15.13
C SER B 30 -28.44 12.53 14.06
N PHE B 31 -28.12 11.30 14.48
CA PHE B 31 -27.58 10.24 13.63
C PHE B 31 -28.50 9.04 13.43
N LYS B 32 -28.53 8.57 12.20
CA LYS B 32 -29.19 7.32 11.83
C LYS B 32 -28.06 6.39 11.37
N VAL B 33 -27.87 5.29 12.09
CA VAL B 33 -26.72 4.43 11.87
C VAL B 33 -27.04 3.09 11.19
N TYR B 34 -26.32 2.79 10.09
CA TYR B 34 -26.31 1.50 9.44
C TYR B 34 -24.99 0.86 9.77
N ALA B 35 -25.05 -0.10 10.67
CA ALA B 35 -23.89 -0.79 11.13
C ALA B 35 -23.85 -2.09 10.37
N THR B 36 -22.79 -2.33 9.60
CA THR B 36 -22.76 -3.50 8.72
C THR B 36 -21.78 -4.54 9.17
N LEU B 37 -22.01 -5.78 8.74
CA LEU B 37 -21.26 -6.94 9.21
C LEU B 37 -20.94 -7.89 8.09
N ARG B 38 -19.78 -8.54 8.17
CA ARG B 38 -19.47 -9.65 7.25
C ARG B 38 -20.60 -10.70 7.26
N ASP B 39 -21.06 -11.06 8.46
CA ASP B 39 -22.12 -12.07 8.70
C ASP B 39 -23.14 -11.48 9.71
N LEU B 40 -24.44 -11.57 9.45
CA LEU B 40 -25.44 -10.95 10.33
C LEU B 40 -25.55 -11.76 11.61
N LYS B 41 -25.47 -13.08 11.51
CA LYS B 41 -25.56 -14.00 12.68
C LYS B 41 -24.69 -13.54 13.85
N THR B 42 -23.62 -12.81 13.56
CA THR B 42 -22.72 -12.30 14.57
C THR B 42 -23.20 -11.01 15.26
N GLN B 43 -24.39 -10.50 14.92
CA GLN B 43 -24.86 -9.19 15.45
C GLN B 43 -25.31 -9.14 16.91
N GLY B 44 -25.22 -10.24 17.66
CA GLY B 44 -25.74 -10.29 19.03
C GLY B 44 -25.16 -9.26 19.99
N ARG B 45 -23.83 -9.16 19.96
CA ARG B 45 -23.06 -8.30 20.85
C ARG B 45 -23.38 -6.83 20.56
N LEU B 46 -23.42 -6.48 19.28
CA LEU B 46 -23.80 -5.15 18.82
C LEU B 46 -25.12 -4.65 19.41
N TRP B 47 -26.17 -5.46 19.29
CA TRP B 47 -27.50 -5.08 19.78
C TRP B 47 -27.56 -5.05 21.30
N GLU B 48 -26.80 -5.93 21.95
CA GLU B 48 -26.67 -5.92 23.41
C GLU B 48 -26.03 -4.62 23.88
N ALA B 49 -24.97 -4.19 23.20
CA ALA B 49 -24.34 -2.90 23.48
C ALA B 49 -25.30 -1.73 23.24
N ALA B 50 -26.06 -1.81 22.16
CA ALA B 50 -27.00 -0.76 21.80
C ALA B 50 -28.19 -0.69 22.76
N ARG B 51 -28.61 -1.87 23.25
CA ARG B 51 -29.67 -1.98 24.23
C ARG B 51 -29.20 -1.40 25.56
N ALA B 52 -27.92 -1.62 25.90
CA ALA B 52 -27.31 -1.05 27.11
C ALA B 52 -27.43 0.47 27.18
N LEU B 53 -27.36 1.16 26.04
CA LEU B 53 -27.45 2.64 26.00
C LEU B 53 -28.84 3.15 25.53
N ALA B 54 -29.86 2.29 25.57
CA ALA B 54 -31.21 2.58 25.10
C ALA B 54 -31.19 3.41 23.82
N CYS B 55 -30.51 2.89 22.81
CA CYS B 55 -30.47 3.53 21.51
C CYS B 55 -31.92 3.49 21.04
N PRO B 56 -32.53 4.67 20.78
CA PRO B 56 -33.94 4.60 20.41
C PRO B 56 -34.22 3.74 19.18
N PRO B 57 -35.44 3.16 19.06
CA PRO B 57 -35.80 2.43 17.83
C PRO B 57 -35.61 3.27 16.56
N GLY B 58 -35.05 2.67 15.52
CA GLY B 58 -34.89 3.35 14.22
C GLY B 58 -33.66 4.22 14.08
N SER B 59 -32.84 4.29 15.13
CA SER B 59 -31.57 5.01 15.13
C SER B 59 -30.40 4.08 14.71
N LEU B 60 -30.63 2.76 14.78
CA LEU B 60 -29.66 1.76 14.36
C LEU B 60 -30.34 0.67 13.49
N GLU B 61 -29.81 0.41 12.28
CA GLU B 61 -30.17 -0.75 11.45
C GLU B 61 -28.90 -1.54 11.22
N THR B 62 -28.97 -2.88 11.27
CA THR B 62 -27.86 -3.72 10.82
C THR B 62 -28.09 -4.26 9.42
N LEU B 63 -26.98 -4.54 8.74
CA LEU B 63 -26.96 -5.17 7.42
C LEU B 63 -25.77 -6.09 7.28
N GLN B 64 -25.90 -7.03 6.36
CA GLN B 64 -24.78 -7.81 5.87
C GLN B 64 -24.10 -7.01 4.74
N LEU B 65 -22.78 -6.91 4.84
CA LEU B 65 -21.96 -6.31 3.84
C LEU B 65 -20.58 -6.95 4.00
N ASP B 66 -20.22 -7.73 2.98
CA ASP B 66 -18.95 -8.40 2.87
C ASP B 66 -18.17 -7.59 1.86
N VAL B 67 -17.11 -6.91 2.33
CA VAL B 67 -16.31 -6.03 1.45
C VAL B 67 -15.50 -6.75 0.37
N ARG B 68 -15.42 -8.07 0.42
CA ARG B 68 -14.79 -8.82 -0.67
C ARG B 68 -15.67 -8.97 -1.93
N ASP B 69 -16.93 -8.59 -1.85
CA ASP B 69 -17.94 -8.85 -2.89
C ASP B 69 -18.69 -7.59 -3.26
N SER B 70 -18.48 -7.10 -4.48
CA SER B 70 -19.15 -5.89 -4.94
C SER B 70 -20.69 -5.94 -4.91
N LYS B 71 -21.30 -7.13 -5.00
CA LYS B 71 -22.76 -7.27 -5.00
C LYS B 71 -23.32 -7.16 -3.59
N SER B 72 -22.57 -7.68 -2.63
CA SER B 72 -22.87 -7.46 -1.23
C SER B 72 -22.80 -5.95 -0.93
N VAL B 73 -21.78 -5.27 -1.45
CA VAL B 73 -21.64 -3.83 -1.23
C VAL B 73 -22.83 -3.07 -1.87
N ALA B 74 -23.21 -3.42 -3.10
CA ALA B 74 -24.31 -2.69 -3.79
C ALA B 74 -25.68 -2.97 -3.15
N ALA B 75 -25.94 -4.24 -2.79
CA ALA B 75 -27.16 -4.63 -2.09
C ALA B 75 -27.32 -3.92 -0.74
N ALA B 76 -26.21 -3.80 -0.02
CA ALA B 76 -26.19 -3.08 1.25
C ALA B 76 -26.52 -1.62 1.00
N ARG B 77 -25.93 -1.04 -0.05
CA ARG B 77 -26.20 0.35 -0.43
C ARG B 77 -27.68 0.67 -0.70
N GLU B 78 -28.35 -0.22 -1.43
CA GLU B 78 -29.75 0.03 -1.80
C GLU B 78 -30.73 -0.27 -0.66
N ARG B 79 -30.33 -1.03 0.37
CA ARG B 79 -31.09 -1.09 1.63
C ARG B 79 -31.09 0.24 2.46
N VAL B 80 -30.34 1.26 2.04
CA VAL B 80 -30.28 2.53 2.76
C VAL B 80 -31.47 3.36 2.32
N THR B 81 -32.51 3.27 3.14
CA THR B 81 -33.85 3.70 2.74
C THR B 81 -33.93 5.18 2.48
N GLU B 82 -33.05 5.98 3.09
CA GLU B 82 -33.00 7.43 2.84
C GLU B 82 -32.41 7.82 1.51
N GLY B 83 -31.83 6.86 0.80
CA GLY B 83 -31.28 7.14 -0.50
C GLY B 83 -30.01 7.96 -0.49
N ARG B 84 -29.31 8.03 0.65
CA ARG B 84 -28.02 8.72 0.74
C ARG B 84 -27.24 8.34 2.03
N VAL B 85 -25.94 8.61 2.00
CA VAL B 85 -25.07 8.46 3.14
C VAL B 85 -24.29 9.79 3.35
N ASP B 86 -24.46 10.38 4.53
CA ASP B 86 -23.70 11.60 4.87
C ASP B 86 -22.30 11.25 5.40
N VAL B 87 -22.19 10.12 6.08
CA VAL B 87 -20.91 9.68 6.67
C VAL B 87 -20.68 8.21 6.39
N LEU B 88 -19.57 7.92 5.70
CA LEU B 88 -19.18 6.56 5.37
C LEU B 88 -17.91 6.24 6.13
N VAL B 89 -17.95 5.16 6.92
CA VAL B 89 -16.83 4.69 7.75
C VAL B 89 -16.31 3.32 7.24
N CYS B 90 -15.14 3.34 6.62
CA CYS B 90 -14.51 2.14 6.11
C CYS B 90 -13.58 1.67 7.20
N ASN B 91 -14.08 0.69 7.92
CA ASN B 91 -13.43 0.19 9.08
C ASN B 91 -13.08 -1.29 8.97
N ALA B 92 -13.78 -2.09 8.17
CA ALA B 92 -13.40 -3.51 7.99
C ALA B 92 -11.90 -3.72 7.73
N GLY B 93 -11.28 -4.64 8.46
CA GLY B 93 -9.86 -4.92 8.27
C GLY B 93 -9.48 -6.27 8.79
N LEU B 94 -8.43 -6.85 8.22
CA LEU B 94 -7.79 -8.07 8.75
C LEU B 94 -6.38 -7.76 9.16
N GLY B 95 -5.87 -8.57 10.08
CA GLY B 95 -4.48 -8.58 10.47
C GLY B 95 -3.74 -9.77 9.91
N LEU B 96 -2.42 -9.73 9.98
CA LEU B 96 -1.56 -10.83 9.63
C LEU B 96 -0.18 -10.51 10.19
N LEU B 97 0.34 -11.46 10.96
CA LEU B 97 1.57 -11.27 11.71
C LEU B 97 2.48 -12.46 11.52
N GLY B 98 3.69 -12.22 11.07
CA GLY B 98 4.65 -13.30 11.00
C GLY B 98 5.81 -13.00 10.10
N PRO B 99 6.78 -13.94 10.03
CA PRO B 99 7.84 -13.84 9.06
C PRO B 99 7.27 -13.99 7.67
N LEU B 100 7.67 -13.12 6.75
CA LEU B 100 7.07 -13.08 5.41
C LEU B 100 7.01 -14.45 4.73
N GLU B 101 8.12 -15.15 4.73
CA GLU B 101 8.20 -16.45 4.08
C GLU B 101 7.34 -17.52 4.75
N ALA B 102 6.87 -17.28 5.98
CA ALA B 102 5.96 -18.23 6.67
C ALA B 102 4.46 -18.05 6.38
N LEU B 103 4.08 -16.92 5.80
CA LEU B 103 2.67 -16.59 5.59
C LEU B 103 2.17 -17.28 4.33
N GLY B 104 0.97 -17.86 4.39
CA GLY B 104 0.36 -18.44 3.20
C GLY B 104 0.08 -17.38 2.11
N GLU B 105 0.16 -17.82 0.87
CA GLU B 105 -0.12 -16.98 -0.32
C GLU B 105 -1.57 -16.45 -0.30
N ASP B 106 -2.51 -17.30 0.10
CA ASP B 106 -3.93 -16.93 0.11
C ASP B 106 -4.20 -15.90 1.19
N ALA B 107 -3.57 -16.12 2.35
CA ALA B 107 -3.64 -15.22 3.48
C ALA B 107 -3.12 -13.81 3.09
N VAL B 108 -2.07 -13.79 2.29
CA VAL B 108 -1.52 -12.54 1.84
C VAL B 108 -2.50 -11.80 0.91
N ALA B 109 -3.08 -12.53 -0.04
CA ALA B 109 -4.06 -11.96 -0.97
C ALA B 109 -5.35 -11.57 -0.24
N SER B 110 -5.78 -12.34 0.77
CA SER B 110 -6.94 -11.94 1.61
C SER B 110 -6.78 -10.56 2.29
N VAL B 111 -5.61 -10.34 2.88
CA VAL B 111 -5.35 -9.11 3.60
C VAL B 111 -5.44 -7.91 2.65
N LEU B 112 -4.75 -7.98 1.51
CA LEU B 112 -4.89 -6.95 0.46
C LEU B 112 -6.31 -6.79 -0.09
N ASP B 113 -7.02 -7.91 -0.31
CA ASP B 113 -8.39 -7.87 -0.82
C ASP B 113 -9.38 -7.28 0.14
N VAL B 114 -9.28 -7.65 1.41
CA VAL B 114 -10.18 -7.06 2.41
C VAL B 114 -9.76 -5.63 2.74
N ASN B 115 -8.49 -5.40 3.04
CA ASN B 115 -8.05 -4.10 3.56
C ASN B 115 -8.01 -3.01 2.47
N VAL B 116 -7.55 -3.34 1.27
CA VAL B 116 -7.33 -2.34 0.26
C VAL B 116 -8.48 -2.35 -0.75
N VAL B 117 -8.65 -3.49 -1.42
CA VAL B 117 -9.64 -3.59 -2.50
C VAL B 117 -11.03 -3.39 -1.91
N GLY B 118 -11.25 -3.99 -0.75
CA GLY B 118 -12.48 -3.80 0.03
C GLY B 118 -12.84 -2.34 0.22
N THR B 119 -11.86 -1.55 0.61
CA THR B 119 -12.07 -0.10 0.78
C THR B 119 -12.32 0.57 -0.57
N VAL B 120 -11.59 0.16 -1.60
CA VAL B 120 -11.85 0.65 -2.98
C VAL B 120 -13.31 0.36 -3.41
N ARG B 121 -13.83 -0.82 -3.13
CA ARG B 121 -15.22 -1.14 -3.45
C ARG B 121 -16.22 -0.21 -2.76
N MET B 122 -16.00 0.02 -1.48
CA MET B 122 -16.88 0.89 -0.73
C MET B 122 -16.88 2.28 -1.39
N LEU B 123 -15.68 2.78 -1.67
CA LEU B 123 -15.55 4.11 -2.26
C LEU B 123 -16.17 4.14 -3.67
N GLN B 124 -15.97 3.09 -4.44
CA GLN B 124 -16.59 3.01 -5.76
C GLN B 124 -18.12 3.04 -5.69
N ALA B 125 -18.72 2.31 -4.74
CA ALA B 125 -20.16 2.28 -4.56
C ALA B 125 -20.81 3.55 -3.94
N PHE B 126 -20.09 4.27 -3.08
CA PHE B 126 -20.69 5.38 -2.31
C PHE B 126 -20.21 6.76 -2.72
N LEU B 127 -18.98 6.90 -3.19
CA LEU B 127 -18.50 8.23 -3.62
C LEU B 127 -19.35 8.95 -4.66
N PRO B 128 -19.82 8.27 -5.73
CA PRO B 128 -20.44 9.03 -6.82
C PRO B 128 -21.65 9.83 -6.33
N ASP B 129 -22.46 9.21 -5.48
CA ASP B 129 -23.61 9.86 -4.83
C ASP B 129 -23.20 11.10 -4.02
N MET B 130 -22.11 10.99 -3.28
CA MET B 130 -21.61 12.14 -2.54
C MET B 130 -21.14 13.23 -3.51
N LYS B 131 -20.55 12.83 -4.63
CA LYS B 131 -20.07 13.80 -5.60
C LYS B 131 -21.20 14.61 -6.25
N ARG B 132 -22.24 13.97 -6.76
CA ARG B 132 -23.35 14.72 -7.40
C ARG B 132 -24.15 15.57 -6.41
N ARG B 133 -24.22 15.13 -5.16
CA ARG B 133 -24.88 15.88 -4.11
C ARG B 133 -24.02 17.06 -3.62
N GLY B 134 -22.70 16.95 -3.72
CA GLY B 134 -21.78 18.01 -3.26
C GLY B 134 -21.41 18.02 -1.78
N SER B 135 -21.73 16.92 -1.08
CA SER B 135 -21.53 16.82 0.38
C SER B 135 -21.24 15.38 0.81
N GLY B 136 -20.59 15.22 1.95
CA GLY B 136 -20.32 13.88 2.47
C GLY B 136 -19.00 13.75 3.18
N ARG B 137 -18.95 12.80 4.09
CA ARG B 137 -17.78 12.51 4.89
C ARG B 137 -17.42 11.04 4.72
N VAL B 138 -16.14 10.78 4.52
CA VAL B 138 -15.59 9.45 4.52
C VAL B 138 -14.50 9.36 5.58
N LEU B 139 -14.63 8.43 6.49
CA LEU B 139 -13.64 8.17 7.54
C LEU B 139 -13.09 6.81 7.33
N VAL B 140 -11.78 6.68 7.36
CA VAL B 140 -11.16 5.39 7.15
C VAL B 140 -10.30 5.08 8.35
N THR B 141 -10.37 3.84 8.79
CA THR B 141 -9.59 3.38 9.92
C THR B 141 -8.21 3.10 9.42
N GLY B 142 -7.28 3.98 9.78
CA GLY B 142 -5.88 3.81 9.49
C GLY B 142 -5.14 3.20 10.65
N SER B 143 -3.83 3.28 10.56
CA SER B 143 -2.95 2.66 11.55
C SER B 143 -1.63 3.43 11.56
N VAL B 144 -0.93 3.40 12.69
CA VAL B 144 0.47 3.88 12.67
C VAL B 144 1.31 2.91 11.84
N GLY B 145 0.90 1.62 11.75
CA GLY B 145 1.53 0.64 10.87
C GLY B 145 1.43 0.97 9.38
N GLY B 146 0.65 1.99 9.03
CA GLY B 146 0.58 2.53 7.67
C GLY B 146 1.43 3.78 7.47
N LEU B 147 2.05 4.23 8.55
CA LEU B 147 2.96 5.36 8.55
C LEU B 147 4.41 4.98 8.79
N MET B 148 4.64 3.76 9.28
CA MET B 148 5.96 3.25 9.51
C MET B 148 5.93 1.73 9.46
N GLY B 149 6.94 1.13 8.85
CA GLY B 149 6.99 -0.31 8.67
C GLY B 149 7.52 -0.91 9.94
N LEU B 150 6.96 -2.06 10.36
CA LEU B 150 7.46 -2.77 11.53
C LEU B 150 7.71 -4.22 11.19
N PRO B 151 8.77 -4.80 11.79
CA PRO B 151 9.15 -6.14 11.44
C PRO B 151 8.03 -7.13 11.75
N PHE B 152 7.95 -8.17 10.90
CA PHE B 152 6.92 -9.21 10.95
C PHE B 152 5.50 -8.72 10.70
N ASN B 153 5.35 -7.43 10.34
CA ASN B 153 4.04 -6.83 10.01
C ASN B 153 4.08 -6.35 8.56
N ASP B 154 4.84 -7.06 7.74
CA ASP B 154 5.20 -6.63 6.35
C ASP B 154 3.95 -6.48 5.50
N VAL B 155 3.10 -7.51 5.53
CA VAL B 155 1.86 -7.49 4.74
C VAL B 155 0.79 -6.61 5.36
N TYR B 156 0.59 -6.71 6.68
CA TYR B 156 -0.30 -5.76 7.39
C TYR B 156 0.05 -4.28 7.09
N CYS B 157 1.35 -3.99 7.15
CA CYS B 157 1.82 -2.63 6.91
C CYS B 157 1.68 -2.27 5.45
N ALA B 158 1.98 -3.21 4.54
CA ALA B 158 1.79 -2.93 3.13
C ALA B 158 0.33 -2.49 2.88
N SER B 159 -0.63 -3.17 3.49
CA SER B 159 -2.05 -2.82 3.33
C SER B 159 -2.49 -1.47 3.95
N LYS B 160 -1.93 -1.11 5.10
CA LYS B 160 -2.24 0.18 5.73
C LYS B 160 -1.51 1.30 5.05
N PHE B 161 -0.27 1.07 4.60
CA PHE B 161 0.35 2.03 3.71
C PHE B 161 -0.46 2.25 2.47
N ALA B 162 -1.00 1.17 1.89
CA ALA B 162 -1.84 1.28 0.69
C ALA B 162 -3.01 2.21 0.92
N LEU B 163 -3.63 2.10 2.10
CA LEU B 163 -4.75 2.98 2.46
C LEU B 163 -4.40 4.45 2.42
N GLU B 164 -3.18 4.75 2.91
CA GLU B 164 -2.66 6.13 2.95
C GLU B 164 -2.61 6.72 1.56
N GLY B 165 -1.97 5.98 0.65
CA GLY B 165 -1.85 6.42 -0.77
C GLY B 165 -3.16 6.58 -1.51
N LEU B 166 -4.06 5.62 -1.34
CA LEU B 166 -5.40 5.62 -1.92
C LEU B 166 -6.21 6.81 -1.45
N CYS B 167 -6.19 7.03 -0.12
CA CYS B 167 -6.96 8.11 0.47
C CYS B 167 -6.34 9.49 0.16
N GLU B 168 -5.01 9.60 0.25
CA GLU B 168 -4.35 10.89 -0.04
C GLU B 168 -4.58 11.29 -1.50
N SER B 169 -4.52 10.32 -2.40
CA SER B 169 -4.84 10.54 -3.82
C SER B 169 -6.28 10.97 -4.11
N LEU B 170 -7.25 10.38 -3.41
CA LEU B 170 -8.66 10.80 -3.55
C LEU B 170 -8.89 12.17 -2.92
N ALA B 171 -8.22 12.43 -1.80
CA ALA B 171 -8.43 13.67 -1.07
C ALA B 171 -8.11 14.89 -1.98
N VAL B 172 -7.04 14.78 -2.77
CA VAL B 172 -6.68 15.85 -3.70
C VAL B 172 -7.78 16.04 -4.75
N LEU B 173 -8.32 14.96 -5.30
CA LEU B 173 -9.45 15.12 -6.23
C LEU B 173 -10.70 15.75 -5.56
N LEU B 174 -10.93 15.38 -4.30
CA LEU B 174 -12.22 15.59 -3.64
C LEU B 174 -12.49 16.91 -2.88
N LEU B 175 -11.49 17.76 -2.67
CA LEU B 175 -11.71 19.13 -2.13
C LEU B 175 -12.83 19.89 -2.84
N PRO B 176 -12.70 20.11 -4.15
CA PRO B 176 -13.72 20.90 -4.86
C PRO B 176 -15.10 20.25 -4.99
N PHE B 177 -15.22 18.96 -4.70
CA PHE B 177 -16.53 18.30 -4.77
C PHE B 177 -17.33 18.51 -3.47
N GLY B 178 -16.68 18.90 -2.39
CA GLY B 178 -17.33 19.03 -1.09
C GLY B 178 -17.33 17.74 -0.27
N VAL B 179 -16.50 16.77 -0.65
CA VAL B 179 -16.41 15.47 0.03
C VAL B 179 -15.09 15.40 0.79
N HIS B 180 -15.18 15.23 2.09
CA HIS B 180 -14.02 15.24 2.96
C HIS B 180 -13.72 13.78 3.32
N LEU B 181 -12.47 13.38 3.12
CA LEU B 181 -12.00 12.07 3.47
C LEU B 181 -10.99 12.27 4.58
N SER B 182 -11.06 11.44 5.60
CA SER B 182 -10.09 11.47 6.69
C SER B 182 -9.70 10.06 7.14
N LEU B 183 -8.44 9.89 7.51
CA LEU B 183 -7.90 8.68 8.08
C LEU B 183 -7.78 8.83 9.60
N ILE B 184 -8.37 7.91 10.34
CA ILE B 184 -8.22 7.85 11.78
C ILE B 184 -7.13 6.84 12.08
N GLU B 185 -5.96 7.37 12.43
CA GLU B 185 -4.76 6.60 12.59
C GLU B 185 -4.66 6.00 14.01
N CYS B 186 -4.88 4.71 14.13
CA CYS B 186 -4.85 4.01 15.40
C CYS B 186 -3.48 3.40 15.69
N GLY B 187 -3.17 3.26 16.98
CA GLY B 187 -2.06 2.42 17.43
C GLY B 187 -2.69 1.12 17.87
N PRO B 188 -2.04 0.39 18.79
CA PRO B 188 -2.64 -0.89 19.25
C PRO B 188 -3.96 -0.66 19.98
N VAL B 189 -4.84 -1.66 19.98
CA VAL B 189 -6.21 -1.51 20.50
C VAL B 189 -6.62 -2.81 21.20
N HIS B 190 -7.21 -2.71 22.38
CA HIS B 190 -7.63 -3.90 23.15
C HIS B 190 -8.78 -4.66 22.52
N THR B 191 -8.71 -5.98 22.57
CA THR B 191 -9.87 -6.86 22.34
C THR B 191 -9.75 -8.12 23.21
N SER B 200 2.29 -21.55 15.08
CA SER B 200 2.85 -22.41 16.12
C SER B 200 4.28 -22.84 15.76
N PRO B 201 5.19 -22.92 16.74
CA PRO B 201 6.66 -22.91 16.49
C PRO B 201 7.28 -24.16 15.82
N GLU B 202 6.50 -25.23 15.69
CA GLU B 202 6.87 -26.33 14.77
C GLU B 202 6.72 -25.77 13.36
N GLU B 203 5.50 -25.31 13.07
CA GLU B 203 5.12 -24.82 11.74
C GLU B 203 5.91 -23.58 11.34
N VAL B 204 6.28 -22.75 12.32
CA VAL B 204 7.15 -21.62 12.04
C VAL B 204 8.49 -22.16 11.59
N LEU B 205 9.10 -23.00 12.43
CA LEU B 205 10.50 -23.39 12.23
C LEU B 205 10.79 -24.03 10.88
N ASP B 206 9.92 -24.92 10.44
CA ASP B 206 10.11 -25.60 9.15
C ASP B 206 10.20 -24.58 7.98
N ARG B 207 9.35 -23.54 8.02
CA ARG B 207 9.26 -22.54 6.95
C ARG B 207 10.26 -21.38 7.06
N THR B 208 11.17 -21.45 8.03
CA THR B 208 12.09 -20.36 8.27
C THR B 208 13.35 -20.86 8.95
N ASP B 209 14.49 -20.35 8.49
CA ASP B 209 15.78 -20.46 9.19
C ASP B 209 15.65 -20.22 10.69
N ILE B 210 16.60 -20.77 11.44
CA ILE B 210 16.65 -20.66 12.91
C ILE B 210 16.94 -19.22 13.37
N HIS B 211 17.78 -18.52 12.61
CA HIS B 211 18.13 -17.11 12.81
C HIS B 211 16.82 -16.29 12.99
N THR B 212 15.91 -16.39 12.01
CA THR B 212 14.67 -15.60 12.00
C THR B 212 13.66 -16.12 13.03
N PHE B 213 13.65 -17.43 13.28
CA PHE B 213 12.85 -18.03 14.37
C PHE B 213 13.16 -17.36 15.69
N HIS B 214 14.43 -17.03 15.88
CA HIS B 214 14.86 -16.26 17.04
C HIS B 214 14.20 -14.88 17.10
N ARG B 215 14.48 -14.05 16.10
CA ARG B 215 13.97 -12.68 16.04
C ARG B 215 12.45 -12.60 16.23
N PHE B 216 11.72 -13.55 15.64
CA PHE B 216 10.28 -13.52 15.71
C PHE B 216 9.81 -13.55 17.16
N TYR B 217 10.41 -14.41 17.96
CA TYR B 217 10.04 -14.49 19.38
C TYR B 217 10.59 -13.35 20.24
N GLN B 218 11.71 -12.76 19.85
CA GLN B 218 12.13 -11.47 20.44
C GLN B 218 11.04 -10.45 20.19
N TYR B 219 10.73 -10.21 18.90
CA TYR B 219 9.61 -9.33 18.51
C TYR B 219 8.30 -9.63 19.27
N LEU B 220 7.92 -10.91 19.41
CA LEU B 220 6.65 -11.28 20.06
C LEU B 220 6.58 -10.86 21.54
N ALA B 221 7.71 -11.03 22.24
CA ALA B 221 7.81 -10.62 23.65
C ALA B 221 7.79 -9.09 23.75
N HIS B 222 8.50 -8.41 22.86
CA HIS B 222 8.51 -6.94 22.81
C HIS B 222 7.16 -6.29 22.44
N SER B 223 6.35 -7.03 21.68
CA SER B 223 5.02 -6.56 21.25
C SER B 223 4.06 -6.57 22.43
N LYS B 224 4.04 -7.70 23.15
CA LYS B 224 3.31 -7.86 24.41
C LYS B 224 3.43 -6.65 25.33
N GLN B 225 4.67 -6.20 25.56
CA GLN B 225 4.95 -5.07 26.43
C GLN B 225 4.32 -3.78 25.90
N VAL B 226 4.59 -3.46 24.64
CA VAL B 226 4.02 -2.26 24.01
C VAL B 226 2.49 -2.27 24.07
N PHE B 227 1.88 -3.44 23.95
CA PHE B 227 0.42 -3.56 24.03
C PHE B 227 -0.09 -3.24 25.45
N ARG B 228 0.50 -3.88 26.47
CA ARG B 228 0.21 -3.56 27.88
C ARG B 228 0.29 -2.07 28.17
N GLU B 229 1.38 -1.44 27.76
CA GLU B 229 1.55 0.00 27.93
C GLU B 229 0.62 0.86 27.07
N ALA B 230 0.56 0.59 25.77
CA ALA B 230 0.03 1.59 24.81
C ALA B 230 -1.42 1.45 24.41
N ALA B 231 -1.99 0.25 24.51
CA ALA B 231 -3.30 -0.03 23.91
C ALA B 231 -4.42 0.86 24.45
N GLN B 232 -5.37 1.18 23.56
CA GLN B 232 -6.51 2.04 23.83
C GLN B 232 -7.77 1.17 23.86
N ASN B 233 -8.82 1.67 24.53
CA ASN B 233 -10.15 1.06 24.46
C ASN B 233 -10.68 1.36 23.07
N PRO B 234 -11.40 0.40 22.45
CA PRO B 234 -12.09 0.79 21.21
C PRO B 234 -12.98 2.05 21.38
N GLU B 235 -13.55 2.24 22.57
CA GLU B 235 -14.32 3.47 22.88
C GLU B 235 -13.54 4.79 22.79
N GLU B 236 -12.28 4.81 23.23
CA GLU B 236 -11.43 6.02 23.09
C GLU B 236 -11.21 6.35 21.60
N VAL B 237 -10.85 5.33 20.82
CA VAL B 237 -10.73 5.42 19.36
C VAL B 237 -12.02 5.96 18.72
N ALA B 238 -13.13 5.33 19.07
CA ALA B 238 -14.41 5.72 18.56
C ALA B 238 -14.69 7.22 18.74
N GLU B 239 -14.20 7.78 19.85
CA GLU B 239 -14.38 9.19 20.13
C GLU B 239 -13.62 10.09 19.13
N VAL B 240 -12.46 9.62 18.65
CA VAL B 240 -11.70 10.38 17.65
C VAL B 240 -12.45 10.45 16.32
N PHE B 241 -13.14 9.36 15.96
CA PHE B 241 -14.02 9.37 14.78
C PHE B 241 -15.09 10.44 14.92
N LEU B 242 -15.67 10.53 16.12
CA LEU B 242 -16.63 11.60 16.45
C LEU B 242 -16.03 13.01 16.28
N THR B 243 -14.80 13.22 16.72
CA THR B 243 -14.16 14.52 16.45
C THR B 243 -14.14 14.80 14.94
N ALA B 244 -13.65 13.83 14.16
CA ALA B 244 -13.55 14.00 12.71
C ALA B 244 -14.90 14.27 12.05
N LEU B 245 -15.90 13.51 12.48
CA LEU B 245 -17.29 13.68 12.04
C LEU B 245 -17.76 15.12 12.15
N ARG B 246 -17.54 15.68 13.35
CA ARG B 246 -18.03 17.01 13.70
C ARG B 246 -17.01 18.14 13.52
N ALA B 247 -15.82 17.85 13.00
CA ALA B 247 -14.87 18.90 12.62
C ALA B 247 -15.48 19.63 11.44
N PRO B 248 -15.59 20.97 11.52
CA PRO B 248 -16.21 21.74 10.41
C PRO B 248 -15.44 21.76 9.09
N LYS B 249 -14.11 21.74 9.15
CA LYS B 249 -13.29 21.44 7.97
C LYS B 249 -12.26 20.38 8.40
N PRO B 250 -12.55 19.08 8.11
CA PRO B 250 -11.72 18.00 8.70
C PRO B 250 -10.40 17.82 7.99
N THR B 251 -9.35 17.46 8.72
CA THR B 251 -8.03 17.17 8.14
C THR B 251 -7.87 15.71 7.67
N LEU B 252 -6.86 15.49 6.82
CA LEU B 252 -6.64 14.20 6.18
C LEU B 252 -6.35 13.10 7.18
N ARG B 253 -5.62 13.40 8.27
CA ARG B 253 -5.40 12.44 9.35
C ARG B 253 -5.78 12.96 10.72
N TYR B 254 -6.23 12.04 11.59
CA TYR B 254 -6.36 12.23 13.02
C TYR B 254 -5.66 11.08 13.75
N PHE B 255 -4.97 11.40 14.83
CA PHE B 255 -4.19 10.43 15.57
C PHE B 255 -4.95 10.16 16.85
N THR B 256 -5.07 8.88 17.22
CA THR B 256 -5.73 8.50 18.46
C THR B 256 -4.74 8.53 19.64
N THR B 257 -3.46 8.75 19.33
CA THR B 257 -2.43 8.80 20.34
C THR B 257 -1.31 9.64 19.75
N GLU B 258 -0.58 10.33 20.60
CA GLU B 258 0.60 11.07 20.16
C GLU B 258 1.88 10.34 20.51
N ARG B 259 1.71 9.18 21.17
CA ARG B 259 2.81 8.36 21.64
C ARG B 259 3.88 8.06 20.59
N PHE B 260 3.47 7.70 19.38
CA PHE B 260 4.42 7.29 18.33
C PHE B 260 4.83 8.41 17.38
N LEU B 261 4.36 9.64 17.62
CA LEU B 261 4.73 10.78 16.77
C LEU B 261 6.24 11.14 16.77
N PRO B 262 7.00 10.79 17.85
CA PRO B 262 8.46 10.99 17.79
C PRO B 262 9.14 10.05 16.81
N LEU B 263 8.92 8.74 16.99
CA LEU B 263 9.37 7.71 16.06
C LEU B 263 9.01 8.06 14.64
N LEU B 264 7.79 8.57 14.43
CA LEU B 264 7.33 8.99 13.12
C LEU B 264 8.13 10.17 12.57
N ARG B 265 8.41 11.19 13.40
CA ARG B 265 9.23 12.33 12.97
C ARG B 265 10.70 11.95 12.63
N MET B 266 11.31 11.11 13.47
CA MET B 266 12.62 10.48 13.19
C MET B 266 12.70 9.86 11.80
N ARG B 267 11.61 9.21 11.41
CA ARG B 267 11.43 8.62 10.08
C ARG B 267 11.26 9.69 8.99
N LEU B 268 10.49 10.73 9.30
CA LEU B 268 10.34 11.89 8.41
C LEU B 268 11.63 12.72 8.25
N ASP B 269 12.56 12.63 9.22
CA ASP B 269 13.86 13.34 9.16
C ASP B 269 14.81 12.83 8.08
N ASP B 270 14.79 11.51 7.87
CA ASP B 270 15.72 10.80 7.00
C ASP B 270 14.94 10.18 5.84
N PRO B 271 14.75 10.90 4.71
CA PRO B 271 14.06 10.30 3.55
C PRO B 271 14.72 9.01 3.01
N SER B 272 16.05 8.98 2.95
CA SER B 272 16.84 7.74 2.75
C SER B 272 16.51 6.58 3.72
N GLY B 273 15.80 6.85 4.82
CA GLY B 273 15.25 5.80 5.66
C GLY B 273 16.20 4.97 6.49
N SER B 274 17.50 5.23 6.39
CA SER B 274 18.50 4.46 7.14
C SER B 274 18.40 4.64 8.67
N ASN B 275 18.01 5.83 9.09
CA ASN B 275 17.88 6.15 10.51
C ASN B 275 16.71 5.43 11.10
N TYR B 276 15.57 5.46 10.39
CA TYR B 276 14.40 4.77 10.90
C TYR B 276 14.71 3.30 11.21
N VAL B 277 15.42 2.62 10.31
CA VAL B 277 15.61 1.18 10.39
C VAL B 277 16.56 0.80 11.54
N THR B 278 17.68 1.51 11.62
CA THR B 278 18.64 1.39 12.72
C THR B 278 17.95 1.52 14.09
N ALA B 279 17.18 2.60 14.23
CA ALA B 279 16.49 2.90 15.48
C ALA B 279 15.48 1.83 15.86
N MET B 280 14.61 1.51 14.90
CA MET B 280 13.54 0.55 15.13
C MET B 280 14.13 -0.86 15.33
N HIS B 281 15.29 -1.15 14.75
CA HIS B 281 15.88 -2.47 14.95
C HIS B 281 16.35 -2.72 16.40
N ARG B 282 17.06 -1.76 16.99
CA ARG B 282 17.51 -1.95 18.37
C ARG B 282 16.36 -1.79 19.32
N GLU B 283 15.53 -0.78 19.04
CA GLU B 283 14.30 -0.54 19.81
C GLU B 283 13.42 -1.80 19.93
N VAL B 284 13.28 -2.53 18.83
CA VAL B 284 12.47 -3.76 18.82
C VAL B 284 13.22 -4.96 19.41
N PHE B 285 14.49 -5.14 19.01
CA PHE B 285 15.27 -6.33 19.38
C PHE B 285 16.33 -6.09 20.51
N GLY B 286 15.89 -5.49 21.62
CA GLY B 286 16.72 -5.34 22.81
C GLY B 286 17.73 -4.21 22.69
#